data_2COL
#
_entry.id   2COL
#
_cell.length_a   79.613
_cell.length_b   79.613
_cell.length_c   139.465
_cell.angle_alpha   90.00
_cell.angle_beta   90.00
_cell.angle_gamma   90.00
#
_symmetry.space_group_name_H-M   'P 41 21 2'
#
loop_
_entity.id
_entity.type
_entity.pdbx_description
1 polymer 'Bifunctional hemolysin-adenylate cyclase'
2 polymer Calmodulin
3 non-polymer 'MAGNESIUM ION'
4 non-polymer 'PYROPHOSPHATE 2-'
5 non-polymer 'CALCIUM ION'
6 water water
#
loop_
_entity_poly.entity_id
_entity_poly.type
_entity_poly.pdbx_seq_one_letter_code
_entity_poly.pdbx_strand_id
1 'polypeptide(L)'
;AGYANAADRESGIPAAVLDGIKAVAKEKNATLMFRLVNPHSTSLIAEGVATKGLGVHAKSSDWGLQAGYIPVNPNLSKLF
GRAPEVIARADNDVNSSLAHGHTAVDLTLSKERLDYLRQAGLVTGMADGVVASNHAGYEQFEFRVKETSDGRYAVQYRRK
GGDDFEAVKVIGNAAGIPLTADIDMFAIMPHLSNFRDSARSSVTSGDSVTDYLARTRRAASEATGGLDRERIDLLWKIAR
AGARSAVGTEARRQFRYDGDMNIGVITDFELEVRNALNRRAHAVGAQDVVQHGTEQNNPFPEADEKIFVVSATGESQMLT
RGQLKEYIGQQRGEGYVFYENRAYGVAGKSLFDDGL
;
A
2 'polypeptide(L)' TDSEEEIREAFRVFDKDGNGYISAAELRHVMTNLGEKLTDEEVDEMIREADIDGDGQVNYEEFVQMM B
#
loop_
_chem_comp.id
_chem_comp.type
_chem_comp.name
_chem_comp.formula
CA non-polymer 'CALCIUM ION' 'Ca 2'
MG non-polymer 'MAGNESIUM ION' 'Mg 2'
POP non-polymer 'PYROPHOSPHATE 2-' 'H2 O7 P2 -2'
#
# COMPACT_ATOMS: atom_id res chain seq x y z
N ALA A 1 -12.35 16.22 7.27
CA ALA A 1 -13.03 16.41 8.58
C ALA A 1 -12.00 16.49 9.73
N GLY A 2 -10.82 15.90 9.51
CA GLY A 2 -9.77 15.88 10.51
C GLY A 2 -9.80 14.59 11.34
N TYR A 3 -8.74 14.30 12.11
CA TYR A 3 -8.70 13.09 12.93
C TYR A 3 -10.08 12.93 13.49
N ALA A 4 -10.70 11.79 13.25
CA ALA A 4 -12.05 11.62 13.72
C ALA A 4 -12.12 10.63 14.85
N ASN A 5 -11.02 9.92 15.07
CA ASN A 5 -11.01 8.95 16.14
C ASN A 5 -9.61 8.58 16.60
N ALA A 6 -9.51 7.52 17.40
CA ALA A 6 -8.25 7.05 17.93
C ALA A 6 -7.40 6.39 16.87
N ALA A 7 -8.04 5.61 16.00
CA ALA A 7 -7.36 4.91 14.92
C ALA A 7 -6.59 5.92 14.11
N ASP A 8 -7.28 6.97 13.67
CA ASP A 8 -6.65 8.01 12.87
C ASP A 8 -5.42 8.56 13.56
N ARG A 9 -5.52 8.80 14.86
CA ARG A 9 -4.41 9.36 15.65
C ARG A 9 -3.22 8.43 15.89
N GLU A 10 -3.47 7.12 15.90
CA GLU A 10 -2.39 6.15 16.14
C GLU A 10 -1.75 5.69 14.84
N SER A 11 -2.38 6.02 13.73
CA SER A 11 -1.89 5.60 12.44
C SER A 11 -0.58 6.28 12.05
N GLY A 12 -0.37 7.47 12.59
CA GLY A 12 0.84 8.21 12.29
C GLY A 12 0.76 8.91 10.95
N ILE A 13 -0.46 9.15 10.48
CA ILE A 13 -0.67 9.80 9.20
C ILE A 13 -1.15 11.22 9.46
N PRO A 14 -0.51 12.22 8.83
CA PRO A 14 -0.89 13.63 9.01
C PRO A 14 -2.36 13.75 8.68
N ALA A 15 -3.08 14.59 9.42
CA ALA A 15 -4.51 14.80 9.23
C ALA A 15 -4.92 15.15 7.80
N ALA A 16 -4.35 16.22 7.27
CA ALA A 16 -4.65 16.70 5.91
C ALA A 16 -4.55 15.59 4.89
N VAL A 17 -3.48 14.82 5.00
CA VAL A 17 -3.25 13.69 4.12
C VAL A 17 -4.32 12.60 4.31
N LEU A 18 -4.59 12.28 5.57
CA LEU A 18 -5.56 11.26 5.90
C LEU A 18 -6.94 11.68 5.43
N ASP A 19 -7.14 12.99 5.29
CA ASP A 19 -8.41 13.50 4.83
C ASP A 19 -8.63 13.15 3.37
N GLY A 20 -7.54 13.09 2.61
CA GLY A 20 -7.64 12.75 1.20
C GLY A 20 -7.82 11.25 1.06
N ILE A 21 -7.08 10.50 1.87
CA ILE A 21 -7.15 9.05 1.86
C ILE A 21 -8.60 8.63 1.97
N LYS A 22 -9.32 9.26 2.88
CA LYS A 22 -10.72 8.94 3.09
C LYS A 22 -11.58 9.33 1.91
N ALA A 23 -11.29 10.49 1.35
CA ALA A 23 -12.02 11.05 0.20
C ALA A 23 -11.82 10.20 -1.06
N VAL A 24 -10.60 9.73 -1.26
CA VAL A 24 -10.28 8.88 -2.40
C VAL A 24 -10.87 7.50 -2.18
N ALA A 25 -10.80 7.00 -0.95
CA ALA A 25 -11.35 5.69 -0.66
C ALA A 25 -12.80 5.62 -1.08
N LYS A 26 -13.47 6.75 -0.99
CA LYS A 26 -14.88 6.82 -1.34
C LYS A 26 -15.08 7.17 -2.82
N GLU A 27 -14.16 7.93 -3.38
CA GLU A 27 -14.20 8.35 -4.78
C GLU A 27 -14.09 7.11 -5.68
N LYS A 28 -13.21 6.18 -5.29
CA LYS A 28 -12.94 4.97 -6.03
C LYS A 28 -13.69 3.74 -5.50
N ASN A 29 -14.41 3.88 -4.40
CA ASN A 29 -15.15 2.76 -3.79
C ASN A 29 -14.24 1.59 -3.48
N ALA A 30 -13.17 1.87 -2.74
CA ALA A 30 -12.19 0.88 -2.38
C ALA A 30 -11.77 1.01 -0.93
N THR A 31 -11.70 -0.13 -0.25
CA THR A 31 -11.26 -0.13 1.12
C THR A 31 -9.73 -0.08 1.09
N LEU A 32 -9.16 0.92 1.76
CA LEU A 32 -7.70 1.06 1.81
C LEU A 32 -7.12 0.71 3.19
N MET A 33 -6.12 -0.17 3.21
CA MET A 33 -5.49 -0.60 4.45
C MET A 33 -4.02 -0.21 4.42
N PHE A 34 -3.50 0.25 5.55
CA PHE A 34 -2.10 0.67 5.60
C PHE A 34 -1.41 0.13 6.82
N ARG A 35 -0.10 0.06 6.74
CA ARG A 35 0.71 -0.39 7.85
C ARG A 35 0.99 0.89 8.62
N LEU A 36 1.23 0.77 9.91
CA LEU A 36 1.48 1.94 10.71
C LEU A 36 2.66 2.76 10.23
N VAL A 37 2.52 4.07 10.38
CA VAL A 37 3.58 5.00 10.04
C VAL A 37 4.23 5.33 11.40
N ASN A 38 5.54 5.15 11.48
CA ASN A 38 6.24 5.47 12.73
C ASN A 38 5.91 6.94 13.02
N PRO A 39 5.54 7.29 14.27
CA PRO A 39 5.19 8.66 14.66
C PRO A 39 6.26 9.76 14.49
N HIS A 40 7.53 9.40 14.42
CA HIS A 40 8.52 10.45 14.21
C HIS A 40 8.62 10.84 12.72
N SER A 41 7.70 10.38 11.89
CA SER A 41 7.76 10.77 10.49
C SER A 41 6.58 11.63 10.15
N THR A 42 5.49 11.45 10.89
CA THR A 42 4.26 12.21 10.67
C THR A 42 4.40 13.72 10.44
N SER A 43 5.17 14.39 11.29
CA SER A 43 5.33 15.83 11.17
C SER A 43 6.07 16.23 9.90
N LEU A 44 7.05 15.40 9.51
CA LEU A 44 7.85 15.67 8.31
C LEU A 44 6.99 15.62 7.06
N ILE A 45 6.29 14.50 6.91
CA ILE A 45 5.40 14.25 5.79
C ILE A 45 4.41 15.38 5.61
N ALA A 46 4.01 15.98 6.73
CA ALA A 46 3.02 17.03 6.71
C ALA A 46 3.53 18.40 6.30
N GLU A 47 4.81 18.68 6.53
CA GLU A 47 5.33 20.00 6.20
C GLU A 47 6.02 19.99 4.85
N GLY A 48 6.07 18.83 4.22
CA GLY A 48 6.69 18.77 2.92
C GLY A 48 7.94 17.92 2.79
N VAL A 49 8.18 16.99 3.70
CA VAL A 49 9.37 16.18 3.54
C VAL A 49 9.05 15.11 2.49
N ALA A 50 10.04 14.73 1.68
CA ALA A 50 9.80 13.73 0.66
C ALA A 50 9.79 12.37 1.34
N THR A 51 9.11 11.43 0.68
CA THR A 51 8.97 10.08 1.17
C THR A 51 9.91 9.13 0.40
N LYS A 52 10.34 8.03 1.03
CA LYS A 52 11.28 7.09 0.38
C LYS A 52 10.71 5.89 -0.40
N GLY A 53 11.41 5.56 -1.49
CA GLY A 53 11.03 4.45 -2.34
C GLY A 53 11.82 3.19 -2.06
N LEU A 54 11.55 2.13 -2.80
CA LEU A 54 12.23 0.83 -2.64
C LEU A 54 13.69 0.81 -3.00
N GLY A 55 14.17 1.85 -3.68
CA GLY A 55 15.58 1.86 -4.05
C GLY A 55 16.47 2.15 -2.85
N VAL A 56 15.86 2.79 -1.84
CA VAL A 56 16.55 3.19 -0.62
C VAL A 56 16.42 2.12 0.45
N HIS A 57 17.55 1.77 1.05
CA HIS A 57 17.51 0.72 2.07
C HIS A 57 18.40 0.95 3.28
N ALA A 58 18.56 2.22 3.66
CA ALA A 58 19.41 2.61 4.79
C ALA A 58 18.52 2.86 5.99
N LYS A 59 18.45 1.88 6.89
CA LYS A 59 17.60 2.00 8.09
C LYS A 59 17.58 3.46 8.59
N SER A 60 16.41 3.92 9.04
CA SER A 60 16.28 5.30 9.53
C SER A 60 16.90 5.47 10.92
N SER A 61 16.69 6.64 11.51
CA SER A 61 17.17 6.92 12.85
C SER A 61 15.96 7.13 13.76
N ASP A 62 16.03 6.60 14.98
CA ASP A 62 14.90 6.79 15.89
C ASP A 62 15.24 7.64 17.11
N TRP A 63 16.43 8.23 17.13
CA TRP A 63 16.86 9.06 18.25
C TRP A 63 17.57 10.30 17.77
N GLY A 64 18.03 11.13 18.71
CA GLY A 64 18.74 12.35 18.36
C GLY A 64 17.93 13.27 17.46
N LEU A 65 18.52 14.43 17.16
CA LEU A 65 17.89 15.42 16.31
C LEU A 65 17.51 14.80 14.96
N GLN A 66 18.30 13.81 14.56
CA GLN A 66 18.13 13.13 13.29
C GLN A 66 16.91 12.22 13.13
N ALA A 67 16.14 12.00 14.20
CA ALA A 67 14.97 11.12 14.12
C ALA A 67 14.04 11.50 12.97
N GLY A 68 13.56 10.52 12.23
CA GLY A 68 12.66 10.81 11.12
C GLY A 68 13.37 10.89 9.76
N TYR A 69 14.70 10.91 9.79
CA TYR A 69 15.46 10.98 8.56
C TYR A 69 16.26 9.70 8.31
N ILE A 70 16.93 9.65 7.18
CA ILE A 70 17.74 8.47 6.89
C ILE A 70 19.19 8.97 6.85
N PRO A 71 19.85 8.92 8.01
CA PRO A 71 21.24 9.34 8.24
C PRO A 71 22.25 8.59 7.38
N VAL A 72 23.26 9.33 6.90
CA VAL A 72 24.31 8.71 6.10
C VAL A 72 25.29 7.92 6.99
N ASN A 73 25.65 8.44 8.16
CA ASN A 73 26.53 7.65 9.04
C ASN A 73 25.60 6.62 9.74
N PRO A 74 25.72 5.32 9.40
CA PRO A 74 24.84 4.34 10.06
C PRO A 74 24.86 4.32 11.59
N ASN A 75 25.86 4.94 12.20
CA ASN A 75 25.95 4.95 13.67
C ASN A 75 24.95 5.96 14.22
N LEU A 76 24.40 6.76 13.33
CA LEU A 76 23.43 7.75 13.72
C LEU A 76 22.05 7.14 13.58
N SER A 77 21.96 6.05 12.82
CA SER A 77 20.69 5.38 12.58
C SER A 77 20.31 4.42 13.72
N LYS A 78 19.14 3.80 13.59
CA LYS A 78 18.67 2.85 14.60
C LYS A 78 19.59 1.63 14.73
N LEU A 79 20.93 1.83 14.58
CA LEU A 79 21.88 0.71 14.63
C LEU A 79 23.12 1.09 15.44
N PHE A 80 23.13 2.06 16.74
CA PHE A 80 24.13 2.84 17.50
C PHE A 80 25.13 1.89 18.16
N GLY A 81 25.31 1.35 18.71
CA GLY A 81 26.26 0.35 19.12
C GLY A 81 25.72 -1.07 18.87
N ARG A 82 25.96 -1.52 17.63
CA ARG A 82 25.62 -2.81 17.10
C ARG A 82 26.94 -3.48 16.83
N ALA A 83 27.02 -4.35 15.83
CA ALA A 83 28.31 -4.97 15.46
C ALA A 83 28.97 -4.55 14.14
N PRO A 84 30.31 -4.50 14.10
CA PRO A 84 31.03 -4.11 12.87
C PRO A 84 30.60 -4.93 11.66
N GLU A 85 29.97 -6.08 11.90
CA GLU A 85 29.47 -6.91 10.79
C GLU A 85 28.29 -6.09 10.28
N VAL A 86 27.44 -5.62 11.21
CA VAL A 86 26.26 -4.80 10.90
C VAL A 86 26.58 -3.36 10.43
N ILE A 87 27.30 -2.58 11.24
CA ILE A 87 27.60 -1.21 10.82
C ILE A 87 28.19 -1.15 9.39
N ALA A 88 28.77 -2.27 8.93
CA ALA A 88 29.35 -2.36 7.58
C ALA A 88 28.23 -2.57 6.56
N ARG A 89 27.34 -3.52 6.84
CA ARG A 89 26.19 -3.80 5.96
C ARG A 89 25.40 -2.52 5.72
N ALA A 90 25.33 -1.64 6.73
CA ALA A 90 24.60 -0.39 6.62
C ALA A 90 25.32 0.61 5.71
N ASP A 91 26.65 0.50 5.68
CA ASP A 91 27.46 1.37 4.83
C ASP A 91 27.01 1.17 3.40
N ASN A 92 26.83 -0.11 3.08
CA ASN A 92 26.37 -0.55 1.78
C ASN A 92 25.05 0.12 1.43
N ASP A 93 23.99 -0.16 2.20
CA ASP A 93 22.70 0.48 1.95
C ASP A 93 22.95 1.96 1.59
N VAL A 94 23.65 2.68 2.46
CA VAL A 94 23.96 4.09 2.22
C VAL A 94 24.49 4.24 0.78
N ASN A 95 25.50 3.42 0.48
CA ASN A 95 26.13 3.39 -0.85
C ASN A 95 25.14 3.23 -1.99
N SER A 96 24.33 2.16 -1.91
CA SER A 96 23.35 1.86 -2.93
C SER A 96 22.55 3.06 -3.38
N SER A 97 21.90 3.69 -2.42
CA SER A 97 21.05 4.86 -2.67
C SER A 97 21.84 6.09 -3.09
N LEU A 98 23.12 6.15 -2.75
CA LEU A 98 23.88 7.34 -3.13
C LEU A 98 24.36 7.35 -4.58
N ALA A 99 24.46 6.19 -5.19
CA ALA A 99 24.88 6.17 -6.59
C ALA A 99 23.62 6.33 -7.43
N HIS A 100 22.50 5.82 -6.91
CA HIS A 100 21.25 5.88 -7.66
C HIS A 100 20.31 7.04 -7.31
N GLY A 101 20.50 8.17 -7.99
CA GLY A 101 19.66 9.35 -7.78
C GLY A 101 19.66 10.01 -6.40
N HIS A 102 19.85 9.22 -5.36
CA HIS A 102 19.83 9.77 -4.02
C HIS A 102 21.08 10.57 -3.60
N THR A 103 20.78 11.73 -3.06
CA THR A 103 21.78 12.67 -2.61
C THR A 103 22.08 12.52 -1.12
N ALA A 104 23.15 13.17 -0.68
CA ALA A 104 23.57 13.19 0.73
C ALA A 104 23.41 14.66 1.11
N VAL A 105 22.30 15.01 1.76
CA VAL A 105 22.07 16.41 2.15
C VAL A 105 22.52 16.69 3.60
N ASP A 106 22.63 17.97 3.94
CA ASP A 106 22.99 18.47 5.27
C ASP A 106 21.75 18.60 6.14
N LEU A 107 21.69 17.80 7.20
CA LEU A 107 20.53 17.82 8.08
C LEU A 107 20.26 19.18 8.68
N THR A 108 19.09 19.73 8.37
CA THR A 108 18.66 21.00 8.94
C THR A 108 17.16 20.94 9.25
N LEU A 109 16.85 20.73 10.53
CA LEU A 109 15.46 20.61 10.98
C LEU A 109 14.75 21.96 10.87
N SER A 110 13.42 21.93 10.96
CA SER A 110 12.63 23.15 10.90
C SER A 110 12.36 23.60 12.32
N LYS A 111 12.06 24.88 12.48
CA LYS A 111 11.78 25.42 13.80
C LYS A 111 10.81 24.49 14.53
N GLU A 112 9.69 24.19 13.86
CA GLU A 112 8.63 23.34 14.40
C GLU A 112 9.04 21.91 14.75
N ARG A 113 9.92 21.32 13.95
CA ARG A 113 10.30 19.96 14.25
C ARG A 113 11.05 20.05 15.56
N LEU A 114 11.85 21.11 15.68
CA LEU A 114 12.62 21.35 16.88
C LEU A 114 11.63 21.28 18.07
N ASP A 115 10.44 21.83 17.86
CA ASP A 115 9.41 21.77 18.89
C ASP A 115 9.12 20.30 19.15
N TYR A 116 8.45 19.69 18.19
CA TYR A 116 8.09 18.28 18.26
C TYR A 116 9.23 17.45 18.87
N LEU A 117 10.45 17.72 18.41
CA LEU A 117 11.59 16.97 18.89
C LEU A 117 11.77 17.12 20.39
N ARG A 118 11.80 18.37 20.86
CA ARG A 118 11.98 18.66 22.29
C ARG A 118 10.73 18.27 23.08
N GLN A 119 9.58 18.44 22.46
CA GLN A 119 8.34 18.09 23.14
C GLN A 119 8.19 16.58 23.30
N ALA A 120 8.80 15.79 22.41
CA ALA A 120 8.68 14.33 22.44
C ALA A 120 9.64 13.59 23.35
N GLY A 121 10.74 14.23 23.73
CA GLY A 121 11.67 13.58 24.62
C GLY A 121 12.93 13.07 23.96
N LEU A 122 13.02 13.25 22.64
CA LEU A 122 14.21 12.82 21.92
C LEU A 122 15.43 13.70 22.26
N VAL A 123 15.19 15.00 22.46
CA VAL A 123 16.26 15.96 22.80
C VAL A 123 15.83 16.97 23.88
N THR A 124 17.25 17.51 24.70
CA THR A 124 17.17 18.49 25.80
C THR A 124 18.05 19.74 25.73
N GLY A 125 18.67 19.50 25.98
CA GLY A 125 19.53 20.16 27.31
C GLY A 125 20.41 21.02 26.38
N MET A 126 19.86 22.10 25.81
CA MET A 126 20.66 22.94 25.00
C MET A 126 20.67 24.44 25.44
N ALA A 127 21.84 25.06 25.28
CA ALA A 127 21.83 26.46 25.24
C ALA A 127 21.48 26.26 23.79
N ASP A 128 20.90 26.92 23.53
CA ASP A 128 20.51 26.78 22.14
C ASP A 128 21.67 26.72 21.15
N GLY A 129 21.71 25.41 20.97
CA GLY A 129 22.76 24.65 20.30
C GLY A 129 23.12 23.29 20.94
N VAL A 130 23.96 23.35 21.99
CA VAL A 130 24.47 22.13 22.66
C VAL A 130 23.34 21.31 23.34
N VAL A 131 22.63 20.48 22.56
CA VAL A 131 21.50 19.68 23.09
C VAL A 131 21.92 18.44 23.86
N ALA A 132 20.97 17.84 24.55
CA ALA A 132 21.26 16.65 25.32
C ALA A 132 20.11 15.62 25.31
N SER A 133 20.46 14.35 25.46
CA SER A 133 19.49 13.27 25.45
C SER A 133 20.13 12.04 26.06
N ASN A 134 19.34 11.24 26.75
CA ASN A 134 19.83 10.03 27.41
C ASN A 134 19.82 8.81 26.49
N HIS A 135 19.77 9.05 25.18
CA HIS A 135 19.80 7.94 24.23
C HIS A 135 21.25 7.50 24.03
N ALA A 136 21.56 6.24 24.40
CA ALA A 136 22.92 5.70 24.28
C ALA A 136 23.86 6.48 23.36
N GLY A 137 23.36 6.80 22.17
CA GLY A 137 24.13 7.54 21.18
C GLY A 137 24.94 8.71 21.71
N TYR A 138 24.37 9.47 22.66
CA TYR A 138 25.08 10.63 23.19
C TYR A 138 26.37 10.36 23.97
N GLU A 139 26.64 9.09 24.29
CA GLU A 139 27.87 8.72 25.00
C GLU A 139 28.98 8.39 23.99
N GLN A 140 28.76 8.75 22.73
CA GLN A 140 29.75 8.51 21.67
C GLN A 140 29.91 9.74 20.79
N PHE A 141 28.80 10.46 20.53
CA PHE A 141 28.86 11.67 19.70
C PHE A 141 28.33 12.86 20.49
N GLU A 142 28.77 14.05 20.09
CA GLU A 142 28.38 15.32 20.71
C GLU A 142 27.50 16.07 19.71
N PHE A 143 26.31 16.49 20.12
CA PHE A 143 25.50 17.19 19.15
C PHE A 143 25.39 18.68 19.40
N ARG A 144 24.89 19.38 18.38
CA ARG A 144 24.70 20.82 18.45
C ARG A 144 23.93 21.31 17.23
N VAL A 145 23.71 22.61 17.16
CA VAL A 145 22.99 23.24 16.05
C VAL A 145 23.09 24.78 16.04
N LYS A 146 22.79 25.37 14.88
CA LYS A 146 22.86 26.83 14.69
C LYS A 146 21.74 27.26 13.73
N GLU A 147 21.09 28.40 14.00
CA GLU A 147 20.03 28.89 13.11
C GLU A 147 20.61 29.51 11.85
N THR A 148 19.73 30.10 11.05
CA THR A 148 20.10 30.78 9.81
C THR A 148 18.96 31.76 9.53
N SER A 149 19.15 32.64 8.54
CA SER A 149 18.11 33.59 8.17
C SER A 149 17.15 32.78 7.30
N ASP A 150 17.00 31.51 7.68
CA ASP A 150 16.16 30.56 7.00
C ASP A 150 15.15 29.96 7.99
N GLY A 151 15.41 30.19 9.28
CA GLY A 151 14.54 29.70 10.33
C GLY A 151 14.94 28.31 10.76
N ARG A 152 15.51 27.57 9.83
CA ARG A 152 15.90 26.20 10.10
C ARG A 152 17.17 26.06 10.93
N TYR A 153 17.30 24.92 11.58
CA TYR A 153 18.49 24.63 12.39
C TYR A 153 19.36 23.58 11.72
N ALA A 154 20.64 23.88 11.57
CA ALA A 154 21.57 22.96 10.94
C ALA A 154 22.21 22.01 11.98
N VAL A 155 22.10 20.71 11.75
CA VAL A 155 22.65 19.72 12.66
C VAL A 155 24.16 19.43 12.48
N GLN A 156 24.94 19.58 13.55
CA GLN A 156 26.38 19.31 13.51
C GLN A 156 26.71 18.26 14.55
N TYR A 157 27.96 17.76 14.54
CA TYR A 157 28.40 16.72 15.49
C TYR A 157 29.88 16.30 15.29
N ARG A 158 30.43 15.55 16.24
CA ARG A 158 31.83 15.07 16.16
C ARG A 158 32.00 13.77 16.95
N ARG A 159 33.04 12.88 16.72
CA ARG A 159 33.15 11.66 17.59
C ARG A 159 34.13 12.10 18.67
N LYS A 160 33.37 12.01 19.77
CA LYS A 160 33.60 12.28 21.15
C LYS A 160 35.06 12.54 21.54
N GLY A 161 35.31 13.94 21.47
CA GLY A 161 36.48 14.81 21.73
C GLY A 161 37.69 14.67 20.75
N GLY A 162 37.53 14.95 19.55
CA GLY A 162 38.49 14.82 18.52
C GLY A 162 37.53 15.48 17.58
N ASP A 163 37.62 16.72 17.80
CA ASP A 163 36.83 17.75 17.22
C ASP A 163 36.75 17.96 15.78
N ASP A 164 36.26 19.17 15.73
CA ASP A 164 35.87 19.78 14.57
C ASP A 164 34.53 19.11 14.28
N PHE A 165 33.44 19.69 14.75
CA PHE A 165 32.16 19.37 13.76
C PHE A 165 31.92 19.48 12.28
N GLU A 166 30.98 18.68 11.78
CA GLU A 166 30.60 18.70 10.36
C GLU A 166 29.06 18.83 10.30
N ALA A 167 28.51 18.93 9.09
CA ALA A 167 27.06 19.05 8.91
C ALA A 167 26.48 17.67 8.66
N VAL A 168 25.80 17.14 9.68
CA VAL A 168 25.17 15.81 9.63
C VAL A 168 24.54 15.55 8.28
N LYS A 169 24.79 14.36 7.76
CA LYS A 169 24.29 13.97 6.45
C LYS A 169 23.20 12.91 6.48
N VAL A 170 22.16 13.18 5.72
CA VAL A 170 20.99 12.31 5.60
C VAL A 170 20.78 12.04 4.09
N ILE A 171 20.05 10.98 3.74
CA ILE A 171 19.82 10.71 2.32
C ILE A 171 18.63 11.51 1.88
N GLY A 172 18.76 12.16 0.72
CA GLY A 172 17.67 12.97 0.23
C GLY A 172 17.27 12.74 -1.22
N ASN A 173 16.31 13.56 -1.64
CA ASN A 173 15.75 13.55 -2.99
C ASN A 173 16.85 13.78 -4.03
N ALA A 174 16.50 13.54 -5.29
CA ALA A 174 17.45 13.80 -6.38
C ALA A 174 17.26 15.30 -6.48
N ALA A 175 16.07 15.76 -6.09
CA ALA A 175 15.73 17.17 -6.09
C ALA A 175 16.23 17.81 -4.78
N GLY A 176 17.03 17.06 -4.03
CA GLY A 176 17.59 17.57 -2.79
C GLY A 176 16.72 17.43 -1.55
N ILE A 177 15.43 17.19 -1.74
CA ILE A 177 14.49 17.04 -0.62
C ILE A 177 14.72 15.73 0.18
N PRO A 178 15.22 15.85 1.44
CA PRO A 178 15.50 14.73 2.36
C PRO A 178 14.37 13.71 2.44
N LEU A 179 14.73 12.47 2.66
CA LEU A 179 13.71 11.43 2.75
C LEU A 179 13.33 11.02 4.18
N THR A 180 12.04 10.75 4.35
CA THR A 180 11.48 10.28 5.62
C THR A 180 10.64 9.08 5.21
N ALA A 181 10.12 8.33 6.16
CA ALA A 181 9.32 7.17 5.84
C ALA A 181 8.19 7.46 4.85
N ASP A 182 7.72 6.40 4.20
CA ASP A 182 6.64 6.50 3.22
C ASP A 182 5.48 5.67 3.78
N ILE A 183 4.24 6.04 3.45
CA ILE A 183 3.08 5.32 3.95
C ILE A 183 2.91 4.00 3.21
N ASP A 184 3.34 2.90 3.82
CA ASP A 184 3.24 1.58 3.20
C ASP A 184 1.82 1.05 3.22
N MET A 185 1.22 0.86 2.06
CA MET A 185 -0.13 0.32 1.99
C MET A 185 -0.08 -1.19 2.21
N PHE A 186 -0.99 -1.68 3.05
CA PHE A 186 -1.07 -3.11 3.32
C PHE A 186 -1.83 -3.85 2.22
N ALA A 187 -2.96 -3.28 1.80
CA ALA A 187 -3.76 -3.89 0.74
C ALA A 187 -4.84 -2.95 0.23
N ILE A 188 -5.41 -3.27 -0.93
CA ILE A 188 -6.47 -2.46 -1.49
C ILE A 188 -7.66 -3.33 -1.89
N MET A 189 -8.80 -3.15 -1.23
CA MET A 189 -9.97 -3.96 -1.55
C MET A 189 -10.99 -3.21 -2.35
N PRO A 190 -10.88 -3.25 -3.68
CA PRO A 190 -11.75 -2.60 -4.66
C PRO A 190 -13.10 -3.26 -4.82
N HIS A 191 -14.14 -2.46 -4.99
CA HIS A 191 -15.45 -3.05 -5.21
C HIS A 191 -15.41 -3.54 -6.63
N LEU A 192 -15.96 -4.72 -6.84
CA LEU A 192 -15.98 -5.35 -8.15
C LEU A 192 -16.60 -4.49 -9.25
N SER A 193 -17.55 -3.62 -8.89
CA SER A 193 -18.16 -2.74 -9.88
C SER A 193 -17.14 -1.81 -10.54
N ASN A 194 -15.96 -1.70 -9.95
CA ASN A 194 -14.89 -0.85 -10.48
C ASN A 194 -14.20 -1.44 -11.69
N PHE A 195 -14.57 -2.66 -12.04
CA PHE A 195 -13.95 -3.30 -13.18
C PHE A 195 -14.86 -3.58 -14.36
N ARG A 196 -16.07 -3.05 -14.34
CA ARG A 196 -16.98 -3.29 -15.45
C ARG A 196 -16.39 -2.91 -16.79
N ASP A 197 -15.86 -1.70 -16.87
CA ASP A 197 -15.31 -1.24 -18.11
C ASP A 197 -14.12 -2.04 -18.59
N SER A 198 -13.22 -2.39 -17.66
CA SER A 198 -12.04 -3.20 -17.98
C SER A 198 -12.51 -4.45 -18.73
N ALA A 199 -13.46 -5.16 -18.12
CA ALA A 199 -13.98 -6.38 -18.71
C ALA A 199 -14.48 -6.14 -20.14
N ARG A 200 -15.34 -5.12 -20.30
CA ARG A 200 -15.88 -4.77 -21.60
C ARG A 200 -14.80 -4.47 -22.62
N SER A 201 -13.89 -3.59 -22.27
CA SER A 201 -12.83 -3.23 -23.20
C SER A 201 -12.11 -4.46 -23.74
N SER A 202 -11.95 -5.46 -22.89
CA SER A 202 -11.26 -6.69 -23.24
C SER A 202 -12.12 -7.70 -24.01
N VAL A 203 -13.42 -7.73 -23.72
CA VAL A 203 -14.31 -8.71 -24.35
C VAL A 203 -15.33 -8.17 -25.40
N THR A 204 -16.01 -7.07 -25.08
CA THR A 204 -17.00 -6.48 -25.99
C THR A 204 -16.60 -5.16 -26.67
N SER A 205 -15.32 -4.80 -26.59
CA SER A 205 -14.86 -3.55 -27.20
C SER A 205 -15.50 -2.34 -26.55
N GLY A 206 -15.74 -2.43 -25.24
CA GLY A 206 -16.35 -1.35 -24.49
C GLY A 206 -17.87 -1.39 -24.49
N ASP A 207 -18.45 -2.39 -25.16
CA ASP A 207 -19.91 -2.49 -25.23
C ASP A 207 -20.60 -3.34 -24.16
N SER A 208 -21.80 -2.93 -23.79
CA SER A 208 -22.53 -3.76 -22.86
C SER A 208 -22.76 -5.02 -23.72
N VAL A 209 -22.92 -6.18 -23.09
CA VAL A 209 -23.12 -7.41 -23.82
C VAL A 209 -24.25 -7.27 -24.82
N THR A 210 -25.38 -6.78 -24.32
CA THR A 210 -26.59 -6.60 -25.11
C THR A 210 -26.33 -5.71 -26.33
N ASP A 211 -25.44 -4.75 -26.16
CA ASP A 211 -25.15 -3.89 -27.29
C ASP A 211 -24.17 -4.54 -28.23
N TYR A 212 -23.24 -5.32 -27.70
CA TYR A 212 -22.24 -6.00 -28.50
C TYR A 212 -22.89 -6.96 -29.49
N LEU A 213 -23.74 -7.86 -28.98
CA LEU A 213 -24.43 -8.82 -29.81
C LEU A 213 -25.26 -8.17 -30.91
N ALA A 214 -26.09 -7.21 -30.52
CA ALA A 214 -26.94 -6.49 -31.47
C ALA A 214 -26.14 -5.79 -32.59
N ARG A 215 -24.84 -5.64 -32.39
CA ARG A 215 -23.98 -4.96 -33.35
C ARG A 215 -23.17 -5.89 -34.26
N THR A 216 -22.83 -7.08 -33.76
CA THR A 216 -22.00 -7.97 -34.53
C THR A 216 -22.63 -9.27 -34.98
N ARG A 217 -23.82 -9.57 -34.50
CA ARG A 217 -24.52 -10.79 -34.87
C ARG A 217 -26.03 -10.50 -35.01
N ARG A 218 -26.49 -10.40 -36.26
CA ARG A 218 -27.91 -10.13 -36.58
C ARG A 218 -28.94 -10.98 -35.83
N ALA A 219 -30.22 -10.59 -35.95
CA ALA A 219 -31.30 -11.30 -35.30
C ALA A 219 -31.65 -12.59 -36.03
N LEU A 227 -32.43 -21.14 -26.55
CA LEU A 227 -31.36 -20.95 -25.58
C LEU A 227 -30.24 -20.14 -26.25
N ASP A 228 -29.90 -18.98 -25.70
CA ASP A 228 -28.84 -18.19 -26.32
C ASP A 228 -27.44 -18.62 -25.94
N ARG A 229 -26.99 -19.72 -26.54
CA ARG A 229 -25.68 -20.30 -26.27
C ARG A 229 -24.50 -19.33 -26.42
N GLU A 230 -24.46 -18.54 -27.48
CA GLU A 230 -23.35 -17.59 -27.65
C GLU A 230 -23.39 -16.46 -26.63
N ARG A 231 -24.60 -16.07 -26.21
CA ARG A 231 -24.77 -14.98 -25.24
C ARG A 231 -24.37 -15.40 -23.82
N ILE A 232 -24.66 -16.64 -23.47
CA ILE A 232 -24.30 -17.15 -22.16
C ILE A 232 -22.80 -17.26 -22.11
N ASP A 233 -22.20 -17.48 -23.27
CA ASP A 233 -20.76 -17.59 -23.37
C ASP A 233 -20.09 -16.23 -23.22
N LEU A 234 -20.70 -15.23 -23.84
CA LEU A 234 -20.16 -13.88 -23.79
C LEU A 234 -20.22 -13.36 -22.35
N LEU A 235 -21.33 -13.66 -21.64
CA LEU A 235 -21.50 -13.23 -20.25
C LEU A 235 -20.37 -13.76 -19.36
N TRP A 236 -20.13 -15.07 -19.41
CA TRP A 236 -19.07 -15.67 -18.62
C TRP A 236 -17.73 -15.09 -18.98
N LYS A 237 -17.65 -14.58 -20.19
CA LYS A 237 -16.42 -13.99 -20.67
C LYS A 237 -16.08 -12.71 -19.98
N ILE A 238 -17.00 -11.75 -19.92
CA ILE A 238 -16.66 -10.51 -19.22
C ILE A 238 -16.63 -10.85 -17.71
N ALA A 239 -17.37 -11.88 -17.33
CA ALA A 239 -17.40 -12.32 -15.94
C ALA A 239 -15.99 -12.75 -15.52
N ARG A 240 -15.28 -13.43 -16.42
CA ARG A 240 -13.92 -13.85 -16.12
C ARG A 240 -12.96 -12.67 -16.24
N ALA A 241 -13.18 -11.86 -17.26
CA ALA A 241 -12.33 -10.71 -17.51
C ALA A 241 -12.38 -9.71 -16.33
N GLY A 242 -13.58 -9.52 -15.78
CA GLY A 242 -13.75 -8.62 -14.66
C GLY A 242 -12.95 -9.05 -13.42
N ALA A 243 -13.05 -10.32 -13.05
CA ALA A 243 -12.33 -10.84 -11.90
C ALA A 243 -10.85 -10.75 -12.17
N ARG A 244 -10.44 -11.15 -13.38
CA ARG A 244 -9.04 -11.12 -13.78
C ARG A 244 -8.42 -9.73 -13.72
N SER A 245 -9.20 -8.71 -14.05
CA SER A 245 -8.70 -7.35 -13.95
C SER A 245 -8.80 -6.96 -12.46
N ALA A 246 -9.91 -7.33 -11.82
CA ALA A 246 -10.12 -7.02 -10.41
C ALA A 246 -8.93 -7.41 -9.51
N VAL A 247 -8.30 -8.54 -9.80
CA VAL A 247 -7.17 -8.97 -9.01
C VAL A 247 -5.83 -8.73 -9.73
N GLY A 248 -5.88 -8.03 -10.86
CA GLY A 248 -4.69 -7.72 -11.63
C GLY A 248 -3.77 -8.85 -12.05
N THR A 249 -4.34 -9.99 -12.44
CA THR A 249 -3.54 -11.15 -12.84
C THR A 249 -2.41 -10.75 -13.78
N GLU A 250 -2.76 -10.30 -14.98
CA GLU A 250 -1.78 -9.89 -15.97
C GLU A 250 -0.71 -8.96 -15.41
N ALA A 251 -1.14 -7.78 -14.94
CA ALA A 251 -0.25 -6.75 -14.41
C ALA A 251 0.68 -7.11 -13.26
N ARG A 252 0.36 -8.13 -12.49
CA ARG A 252 1.21 -8.51 -11.38
C ARG A 252 2.40 -9.38 -11.77
N ARG A 253 2.48 -9.72 -13.05
CA ARG A 253 3.56 -10.56 -13.56
C ARG A 253 4.86 -9.76 -13.83
N GLN A 254 4.73 -8.45 -13.98
CA GLN A 254 5.87 -7.57 -14.29
C GLN A 254 6.04 -6.47 -13.22
N PHE A 255 7.00 -5.57 -13.44
CA PHE A 255 7.21 -4.47 -12.52
C PHE A 255 6.74 -3.18 -13.14
N ARG A 256 6.32 -2.24 -12.32
CA ARG A 256 5.89 -0.95 -12.86
C ARG A 256 6.96 0.06 -12.50
N TYR A 257 6.96 1.20 -13.16
CA TYR A 257 7.96 2.19 -12.89
C TYR A 257 7.44 3.62 -12.93
N ASP A 258 7.78 4.40 -11.91
CA ASP A 258 7.38 5.80 -11.93
C ASP A 258 8.69 6.41 -12.35
N GLY A 259 8.72 6.93 -13.57
CA GLY A 259 9.95 7.51 -14.09
C GLY A 259 11.05 6.48 -14.02
N ASP A 260 12.06 6.73 -13.17
CA ASP A 260 13.18 5.82 -12.99
C ASP A 260 13.09 5.04 -11.68
N MET A 261 11.93 5.09 -11.03
CA MET A 261 11.74 4.40 -9.77
C MET A 261 10.81 3.19 -9.88
N ASN A 262 11.31 2.03 -9.47
CA ASN A 262 10.56 0.77 -9.46
C ASN A 262 9.48 0.83 -8.36
N ILE A 263 8.21 0.85 -8.78
CA ILE A 263 7.09 0.95 -7.86
C ILE A 263 6.61 -0.43 -7.44
N GLY A 264 7.44 -1.42 -7.68
CA GLY A 264 7.10 -2.78 -7.35
C GLY A 264 5.99 -3.41 -8.18
N VAL A 265 5.52 -4.54 -7.69
CA VAL A 265 4.44 -5.27 -8.32
C VAL A 265 3.17 -4.53 -7.93
N ILE A 266 2.33 -4.23 -8.90
CA ILE A 266 1.13 -3.46 -8.65
C ILE A 266 0.08 -3.60 -9.77
N THR A 267 -1.20 -3.68 -9.42
CA THR A 267 -2.25 -3.80 -10.43
C THR A 267 -2.61 -2.44 -10.97
N ASP A 268 -3.34 -2.42 -12.09
CA ASP A 268 -3.73 -1.16 -12.73
C ASP A 268 -4.50 -0.31 -11.75
N PHE A 269 -5.46 -0.92 -11.09
CA PHE A 269 -6.30 -0.24 -10.11
C PHE A 269 -5.50 0.28 -8.91
N GLU A 270 -4.55 -0.50 -8.40
CA GLU A 270 -3.79 -0.03 -7.26
C GLU A 270 -2.95 1.19 -7.64
N LEU A 271 -2.37 1.16 -8.83
CA LEU A 271 -1.59 2.26 -9.33
C LEU A 271 -2.47 3.51 -9.34
N GLU A 272 -3.70 3.36 -9.84
CA GLU A 272 -4.64 4.47 -9.92
C GLU A 272 -4.85 5.11 -8.56
N VAL A 273 -5.02 4.26 -7.56
CA VAL A 273 -5.23 4.69 -6.19
C VAL A 273 -3.99 5.44 -5.75
N ARG A 274 -2.83 4.85 -6.00
CA ARG A 274 -1.59 5.48 -5.61
C ARG A 274 -1.56 6.91 -6.13
N ASN A 275 -2.01 7.08 -7.38
CA ASN A 275 -2.02 8.40 -7.99
C ASN A 275 -3.12 9.27 -7.43
N ALA A 276 -4.28 8.69 -7.17
CA ALA A 276 -5.36 9.47 -6.63
C ALA A 276 -4.90 9.99 -5.27
N LEU A 277 -4.22 9.13 -4.52
CA LEU A 277 -3.69 9.44 -3.19
C LEU A 277 -2.51 10.44 -3.18
N ASN A 278 -1.42 10.11 -3.85
CA ASN A 278 -0.30 11.04 -3.91
C ASN A 278 -0.84 12.40 -4.33
N ARG A 279 -1.92 12.38 -5.08
CA ARG A 279 -2.53 13.60 -5.55
C ARG A 279 -3.01 14.44 -4.39
N ARG A 280 -3.97 13.91 -3.64
CA ARG A 280 -4.53 14.65 -2.51
C ARG A 280 -3.43 15.04 -1.53
N ALA A 281 -2.30 14.36 -1.61
CA ALA A 281 -1.21 14.69 -0.71
C ALA A 281 -0.58 16.00 -1.17
N HIS A 282 -0.37 16.13 -2.47
CA HIS A 282 0.23 17.33 -3.00
C HIS A 282 -0.71 18.50 -2.69
N ALA A 283 -2.00 18.26 -2.81
CA ALA A 283 -2.97 19.32 -2.56
C ALA A 283 -2.95 19.91 -1.15
N VAL A 284 -2.63 19.12 -0.12
CA VAL A 284 -2.57 19.67 1.22
C VAL A 284 -1.15 20.07 1.60
N GLY A 285 -0.28 20.11 0.60
CA GLY A 285 1.08 20.55 0.84
C GLY A 285 2.16 19.50 1.02
N ALA A 286 1.92 18.27 0.63
CA ALA A 286 2.96 17.26 0.79
C ALA A 286 3.49 16.77 -0.55
N GLN A 287 4.44 15.87 -0.45
CA GLN A 287 5.05 15.26 -1.59
C GLN A 287 4.39 13.89 -1.64
N ASP A 288 4.81 13.02 -2.57
CA ASP A 288 4.22 11.68 -2.65
C ASP A 288 4.45 10.96 -1.30
N VAL A 289 3.52 10.11 -0.92
CA VAL A 289 3.64 9.41 0.34
C VAL A 289 3.50 7.89 0.19
N VAL A 290 3.02 7.47 -0.97
CA VAL A 290 2.89 6.06 -1.30
C VAL A 290 3.86 5.92 -2.46
N GLN A 291 4.95 5.17 -2.26
CA GLN A 291 5.94 5.02 -3.31
C GLN A 291 5.94 3.67 -4.04
N HIS A 292 5.08 2.75 -3.62
CA HIS A 292 5.07 1.44 -4.25
C HIS A 292 3.78 0.70 -4.06
N GLY A 293 3.79 -0.53 -4.57
CA GLY A 293 2.62 -1.37 -4.47
C GLY A 293 2.38 -1.77 -3.05
N THR A 294 1.32 -2.53 -2.87
CA THR A 294 0.91 -2.97 -1.58
C THR A 294 1.65 -4.19 -1.04
N GLU A 295 1.56 -4.35 0.29
CA GLU A 295 2.18 -5.44 1.03
C GLU A 295 1.70 -6.81 0.57
N GLN A 296 0.55 -6.85 -0.12
CA GLN A 296 0.00 -8.09 -0.63
C GLN A 296 0.84 -8.69 -1.78
N ASN A 297 1.78 -7.90 -2.29
CA ASN A 297 2.68 -8.31 -3.33
C ASN A 297 4.11 -7.99 -2.92
N ASN A 298 4.40 -8.16 -1.63
CA ASN A 298 5.75 -7.89 -1.12
C ASN A 298 6.38 -9.27 -0.89
N PRO A 299 7.49 -9.56 -1.58
CA PRO A 299 8.11 -10.87 -1.37
C PRO A 299 8.65 -11.12 0.05
N PHE A 300 8.89 -10.05 0.81
CA PHE A 300 9.36 -10.16 2.21
C PHE A 300 8.23 -9.73 3.18
N PRO A 301 7.06 -10.40 3.14
CA PRO A 301 5.93 -10.05 4.01
C PRO A 301 6.29 -9.94 5.49
N GLU A 302 5.85 -8.85 6.10
CA GLU A 302 6.13 -8.59 7.51
C GLU A 302 4.91 -8.78 8.38
N ALA A 303 5.11 -9.25 9.61
CA ALA A 303 3.99 -9.45 10.52
C ALA A 303 3.86 -8.37 11.60
N ASP A 304 2.72 -7.67 11.58
CA ASP A 304 2.42 -6.67 12.60
C ASP A 304 0.96 -6.76 13.08
N GLU A 305 0.82 -6.99 14.38
CA GLU A 305 -0.46 -7.19 15.05
C GLU A 305 -1.57 -6.20 14.75
N LYS A 306 -1.20 -4.96 14.43
CA LYS A 306 -2.20 -3.95 14.16
C LYS A 306 -2.05 -3.37 12.75
N ILE A 307 -3.20 -3.14 12.13
CA ILE A 307 -3.20 -2.54 10.81
C ILE A 307 -4.34 -1.55 10.82
N PHE A 308 -4.10 -0.37 10.26
CA PHE A 308 -5.07 0.71 10.16
C PHE A 308 -5.96 0.58 8.91
N VAL A 309 -7.28 0.56 9.11
CA VAL A 309 -8.19 0.40 7.99
C VAL A 309 -9.20 1.51 7.71
N VAL A 310 -9.33 1.82 6.43
CA VAL A 310 -10.25 2.84 5.98
C VAL A 310 -11.27 2.32 4.97
N SER A 311 -12.46 1.98 5.46
CA SER A 311 -13.54 1.47 4.64
C SER A 311 -13.74 2.31 3.41
N ALA A 312 -14.48 1.79 2.45
CA ALA A 312 -14.75 2.54 1.25
C ALA A 312 -15.79 3.60 1.64
N THR A 313 -16.24 3.54 2.90
CA THR A 313 -17.23 4.48 3.45
C THR A 313 -16.64 5.62 4.29
N GLY A 314 -15.34 5.57 4.59
CA GLY A 314 -14.76 6.64 5.38
C GLY A 314 -14.58 6.29 6.84
N GLU A 315 -15.16 5.18 7.28
CA GLU A 315 -15.03 4.75 8.66
C GLU A 315 -13.59 4.27 8.87
N SER A 316 -12.98 4.63 10.00
CA SER A 316 -11.60 4.23 10.31
C SER A 316 -11.59 3.34 11.55
N GLN A 317 -10.66 2.39 11.56
CA GLN A 317 -10.53 1.42 12.65
C GLN A 317 -9.17 0.75 12.69
N MET A 318 -8.80 0.23 13.85
CA MET A 318 -7.54 -0.50 13.97
C MET A 318 -7.93 -2.00 13.98
N LEU A 319 -7.13 -2.85 13.35
CA LEU A 319 -7.47 -4.26 13.28
C LEU A 319 -6.33 -5.19 13.58
N THR A 320 -6.62 -6.18 14.42
CA THR A 320 -5.67 -7.22 14.80
C THR A 320 -5.83 -8.23 13.65
N ARG A 321 -4.82 -9.08 13.42
CA ARG A 321 -4.92 -10.06 12.34
C ARG A 321 -6.23 -10.84 12.37
N GLY A 322 -6.68 -11.19 13.56
CA GLY A 322 -7.91 -11.95 13.69
C GLY A 322 -9.13 -11.17 13.29
N GLN A 323 -9.16 -9.89 13.64
CA GLN A 323 -10.28 -9.05 13.30
C GLN A 323 -10.13 -8.71 11.81
N LEU A 324 -8.90 -8.84 11.29
CA LEU A 324 -8.64 -8.55 9.89
C LEU A 324 -9.33 -9.60 9.00
N LYS A 325 -9.24 -10.85 9.44
CA LYS A 325 -9.85 -11.97 8.76
C LYS A 325 -11.36 -11.76 8.69
N GLU A 326 -11.99 -11.58 9.83
CA GLU A 326 -13.42 -11.38 9.84
C GLU A 326 -13.79 -10.12 9.07
N TYR A 327 -12.90 -9.13 9.07
CA TYR A 327 -13.20 -7.91 8.33
C TYR A 327 -13.28 -8.18 6.83
N ILE A 328 -12.23 -8.78 6.28
CA ILE A 328 -12.18 -9.08 4.86
C ILE A 328 -13.39 -9.91 4.47
N GLY A 329 -13.69 -10.91 5.29
CA GLY A 329 -14.83 -11.78 5.06
C GLY A 329 -16.13 -11.01 4.90
N GLN A 330 -16.39 -10.07 5.80
CA GLN A 330 -17.60 -9.28 5.70
C GLN A 330 -17.58 -8.43 4.43
N GLN A 331 -16.42 -7.83 4.15
CA GLN A 331 -16.25 -6.99 2.98
C GLN A 331 -16.42 -7.75 1.67
N ARG A 332 -15.99 -9.00 1.65
CA ARG A 332 -16.13 -9.83 0.46
C ARG A 332 -17.60 -10.15 0.18
N GLY A 333 -18.43 -10.16 1.24
CA GLY A 333 -19.85 -10.43 1.08
C GLY A 333 -20.55 -9.22 0.49
N GLU A 334 -19.89 -8.08 0.58
CA GLU A 334 -20.43 -6.85 0.01
C GLU A 334 -19.87 -6.64 -1.40
N GLY A 335 -19.16 -7.64 -1.91
CA GLY A 335 -18.61 -7.56 -3.24
C GLY A 335 -17.27 -6.87 -3.38
N TYR A 336 -16.51 -6.80 -2.29
CA TYR A 336 -15.20 -6.19 -2.39
C TYR A 336 -14.23 -7.31 -2.67
N VAL A 337 -13.34 -7.08 -3.62
CA VAL A 337 -12.36 -8.07 -3.99
C VAL A 337 -11.09 -7.98 -3.15
N PHE A 338 -10.57 -9.12 -2.73
CA PHE A 338 -9.33 -9.16 -1.99
C PHE A 338 -8.56 -10.41 -2.31
N TYR A 339 -7.25 -10.25 -2.48
CA TYR A 339 -6.36 -11.36 -2.75
C TYR A 339 -5.16 -11.18 -1.82
N GLU A 340 -4.65 -12.29 -1.30
CA GLU A 340 -3.52 -12.25 -0.37
C GLU A 340 -2.13 -12.42 -0.97
N ASN A 341 -1.15 -11.97 -0.20
CA ASN A 341 0.26 -12.11 -0.53
C ASN A 341 0.37 -13.60 -0.80
N ARG A 342 1.16 -14.00 -1.78
CA ARG A 342 1.24 -15.42 -2.12
C ARG A 342 1.95 -16.41 -1.20
N ALA A 343 2.66 -15.89 -0.20
CA ALA A 343 3.38 -16.74 0.74
C ALA A 343 2.66 -16.96 2.08
N TYR A 344 1.54 -16.27 2.30
CA TYR A 344 0.81 -16.43 3.55
C TYR A 344 0.38 -17.88 3.71
N GLY A 345 0.10 -18.52 2.58
CA GLY A 345 -0.34 -19.89 2.58
C GLY A 345 0.62 -20.84 3.25
N VAL A 346 1.77 -21.06 2.62
CA VAL A 346 2.79 -21.97 3.15
C VAL A 346 3.13 -21.77 4.64
N ALA A 347 3.21 -20.52 5.09
CA ALA A 347 3.56 -20.22 6.48
C ALA A 347 2.30 -20.09 7.32
N GLY A 348 1.28 -20.88 6.98
CA GLY A 348 0.03 -20.86 7.73
C GLY A 348 -0.46 -19.50 8.20
N LYS A 349 -0.33 -18.48 7.37
CA LYS A 349 -0.81 -17.17 7.75
C LYS A 349 -1.89 -16.65 6.81
N SER A 350 -2.57 -17.55 6.10
CA SER A 350 -3.61 -17.14 5.16
C SER A 350 -4.83 -16.59 5.87
N LEU A 351 -5.52 -15.66 5.20
CA LEU A 351 -6.73 -15.04 5.71
C LEU A 351 -7.94 -15.75 5.08
N PHE A 352 -7.69 -16.92 4.48
CA PHE A 352 -8.76 -17.68 3.85
C PHE A 352 -9.17 -18.95 4.62
N ASP A 353 -10.49 -19.09 4.72
CA ASP A 353 -11.15 -20.18 5.41
C ASP A 353 -11.77 -21.08 4.31
N ASP A 354 -11.09 -21.14 3.16
CA ASP A 354 -11.59 -21.93 2.03
C ASP A 354 -10.71 -23.13 1.59
N GLY A 355 -10.77 -23.50 0.31
CA GLY A 355 -9.98 -24.61 -0.19
C GLY A 355 -8.48 -24.29 -0.25
N LEU A 356 -8.13 -23.18 -0.90
CA LEU A 356 -6.74 -22.78 -1.04
C LEU A 356 -6.04 -23.83 -1.94
N THR B 1 -2.96 -19.12 -20.78
CA THR B 1 -2.97 -20.02 -19.60
C THR B 1 -2.33 -19.35 -18.39
N ASP B 2 -3.15 -18.94 -17.42
CA ASP B 2 -2.63 -18.31 -16.22
C ASP B 2 -2.23 -19.47 -15.34
N SER B 3 -1.33 -19.25 -14.40
CA SER B 3 -0.92 -20.31 -13.51
C SER B 3 -2.13 -20.70 -12.69
N GLU B 4 -1.96 -21.75 -11.91
CA GLU B 4 -2.99 -22.29 -11.05
C GLU B 4 -3.29 -21.38 -9.83
N GLU B 5 -2.26 -20.73 -9.29
CA GLU B 5 -2.49 -19.83 -8.17
C GLU B 5 -3.18 -18.59 -8.72
N GLU B 6 -2.93 -18.28 -9.98
CA GLU B 6 -3.55 -17.11 -10.59
C GLU B 6 -5.04 -17.33 -10.78
N ILE B 7 -5.42 -18.55 -11.16
CA ILE B 7 -6.83 -18.88 -11.37
C ILE B 7 -7.61 -18.92 -10.06
N ARG B 8 -6.95 -19.29 -8.96
CA ARG B 8 -7.66 -19.31 -7.69
C ARG B 8 -8.00 -17.91 -7.15
N GLU B 9 -7.12 -16.93 -7.36
CA GLU B 9 -7.39 -15.57 -6.89
C GLU B 9 -8.66 -15.03 -7.54
N ALA B 10 -8.72 -15.16 -8.87
CA ALA B 10 -9.85 -14.71 -9.67
C ALA B 10 -11.09 -15.48 -9.26
N PHE B 11 -10.90 -16.74 -8.89
CA PHE B 11 -12.00 -17.59 -8.47
C PHE B 11 -12.63 -17.10 -7.16
N ARG B 12 -11.81 -16.62 -6.24
CA ARG B 12 -12.30 -16.12 -4.95
C ARG B 12 -13.16 -14.88 -5.16
N VAL B 13 -12.91 -14.17 -6.26
CA VAL B 13 -13.70 -12.99 -6.59
C VAL B 13 -15.17 -13.39 -6.75
N PHE B 14 -15.41 -14.53 -7.40
CA PHE B 14 -16.77 -15.04 -7.62
C PHE B 14 -17.32 -15.64 -6.33
N ASP B 15 -16.47 -16.40 -5.65
CA ASP B 15 -16.81 -17.08 -4.39
C ASP B 15 -16.79 -16.16 -3.18
N LYS B 16 -17.73 -15.22 -3.15
CA LYS B 16 -17.88 -14.23 -2.08
C LYS B 16 -17.79 -14.74 -0.63
N ASP B 17 -18.55 -15.78 -0.30
CA ASP B 17 -18.55 -16.29 1.05
C ASP B 17 -17.49 -17.35 1.36
N GLY B 18 -17.63 -18.01 2.50
CA GLY B 18 -16.69 -19.04 2.89
C GLY B 18 -16.43 -20.13 1.86
N ASN B 19 -17.30 -21.16 1.83
CA ASN B 19 -17.20 -22.33 0.94
C ASN B 19 -16.61 -22.09 -0.45
N GLY B 20 -15.94 -23.11 -1.00
CA GLY B 20 -15.33 -22.98 -2.32
C GLY B 20 -16.20 -23.41 -3.48
N TYR B 21 -17.37 -22.81 -3.58
CA TYR B 21 -18.35 -23.09 -4.63
C TYR B 21 -18.97 -21.78 -5.09
N ILE B 22 -19.43 -21.72 -6.34
CA ILE B 22 -20.04 -20.49 -6.81
C ILE B 22 -21.52 -20.77 -6.86
N SER B 23 -22.25 -19.96 -6.10
CA SER B 23 -23.68 -20.05 -5.99
C SER B 23 -24.33 -19.24 -7.11
N ALA B 24 -25.66 -19.32 -7.25
CA ALA B 24 -26.37 -18.57 -8.29
C ALA B 24 -26.47 -17.09 -7.87
N ALA B 25 -26.55 -16.88 -6.55
CA ALA B 25 -26.64 -15.54 -5.98
C ALA B 25 -25.28 -14.88 -6.07
N GLU B 26 -24.22 -15.67 -5.95
CA GLU B 26 -22.89 -15.14 -6.04
C GLU B 26 -22.67 -14.66 -7.47
N LEU B 27 -23.13 -15.44 -8.45
CA LEU B 27 -22.98 -15.08 -9.85
C LEU B 27 -23.86 -13.90 -10.23
N ARG B 28 -25.10 -13.92 -9.77
CA ARG B 28 -25.99 -12.81 -10.06
C ARG B 28 -25.42 -11.49 -9.54
N HIS B 29 -24.60 -11.53 -8.50
CA HIS B 29 -24.01 -10.31 -7.95
C HIS B 29 -22.83 -9.85 -8.78
N VAL B 30 -22.02 -10.83 -9.17
CA VAL B 30 -20.87 -10.61 -10.00
C VAL B 30 -21.27 -10.00 -11.33
N MET B 31 -22.34 -10.52 -11.94
CA MET B 31 -22.79 -10.01 -13.23
C MET B 31 -23.34 -8.61 -13.14
N THR B 32 -24.17 -8.36 -12.13
CA THR B 32 -24.72 -7.04 -11.92
C THR B 32 -23.58 -6.03 -11.73
N ASN B 33 -22.66 -6.35 -10.83
CA ASN B 33 -21.51 -5.48 -10.57
C ASN B 33 -20.69 -5.20 -11.83
N LEU B 34 -20.62 -6.17 -12.73
CA LEU B 34 -19.85 -5.97 -13.93
C LEU B 34 -20.67 -5.42 -15.09
N GLY B 35 -21.84 -4.87 -14.79
CA GLY B 35 -22.65 -4.24 -15.81
C GLY B 35 -23.75 -4.98 -16.56
N GLU B 36 -24.07 -6.18 -16.10
CA GLU B 36 -25.12 -6.93 -16.75
C GLU B 36 -26.20 -7.32 -15.76
N LYS B 37 -27.41 -6.80 -15.96
CA LYS B 37 -28.54 -7.13 -15.11
C LYS B 37 -29.20 -8.32 -15.81
N LEU B 38 -29.21 -9.45 -15.11
CA LEU B 38 -29.73 -10.69 -15.63
C LEU B 38 -30.83 -11.27 -14.74
N THR B 39 -31.76 -12.01 -15.35
CA THR B 39 -32.86 -12.63 -14.63
C THR B 39 -32.34 -13.87 -13.88
N ASP B 40 -33.13 -14.35 -12.93
CA ASP B 40 -32.77 -15.55 -12.18
C ASP B 40 -32.59 -16.67 -13.22
N GLU B 41 -33.44 -16.60 -14.23
CA GLU B 41 -33.48 -17.55 -15.33
C GLU B 41 -32.14 -17.62 -16.02
N GLU B 42 -31.67 -16.46 -16.48
CA GLU B 42 -30.39 -16.39 -17.17
C GLU B 42 -29.26 -16.69 -16.20
N VAL B 43 -29.46 -16.35 -14.93
CA VAL B 43 -28.44 -16.64 -13.94
C VAL B 43 -28.25 -18.15 -13.84
N ASP B 44 -29.33 -18.90 -13.65
CA ASP B 44 -29.24 -20.35 -13.53
C ASP B 44 -28.64 -20.94 -14.80
N GLU B 45 -28.81 -20.23 -15.92
CA GLU B 45 -28.28 -20.70 -17.22
C GLU B 45 -26.75 -20.60 -17.33
N MET B 46 -26.17 -19.59 -16.70
CA MET B 46 -24.73 -19.47 -16.74
C MET B 46 -24.16 -20.59 -15.87
N ILE B 47 -24.82 -20.84 -14.73
CA ILE B 47 -24.40 -21.90 -13.80
C ILE B 47 -24.48 -23.24 -14.54
N ARG B 48 -25.66 -23.49 -15.11
CA ARG B 48 -25.95 -24.71 -15.84
C ARG B 48 -24.88 -24.99 -16.91
N GLU B 49 -24.46 -23.94 -17.59
CA GLU B 49 -23.48 -24.08 -18.65
C GLU B 49 -22.09 -24.48 -18.13
N ALA B 50 -21.83 -24.20 -16.86
CA ALA B 50 -20.54 -24.54 -16.25
C ALA B 50 -20.64 -25.76 -15.31
N ASP B 51 -21.85 -26.04 -14.82
CA ASP B 51 -22.07 -27.14 -13.89
C ASP B 51 -21.92 -28.54 -14.54
N ILE B 52 -20.67 -28.96 -14.72
CA ILE B 52 -20.37 -30.25 -15.28
C ILE B 52 -21.00 -31.41 -14.52
N ASP B 53 -20.91 -31.38 -13.19
CA ASP B 53 -21.46 -32.46 -12.36
C ASP B 53 -22.94 -32.38 -12.07
N GLY B 54 -23.55 -31.25 -12.36
CA GLY B 54 -24.98 -31.10 -12.12
C GLY B 54 -25.44 -30.83 -10.70
N ASP B 55 -24.51 -30.47 -9.80
CA ASP B 55 -24.88 -30.20 -8.41
C ASP B 55 -25.42 -28.78 -8.14
N GLY B 56 -25.70 -28.02 -9.20
CA GLY B 56 -26.26 -26.69 -9.04
C GLY B 56 -25.32 -25.56 -8.73
N GLN B 57 -24.03 -25.86 -8.58
CA GLN B 57 -23.02 -24.85 -8.25
C GLN B 57 -21.70 -25.12 -8.99
N VAL B 58 -20.85 -24.10 -9.08
CA VAL B 58 -19.59 -24.29 -9.79
C VAL B 58 -18.44 -24.38 -8.82
N ASN B 59 -17.85 -25.56 -8.72
CA ASN B 59 -16.72 -25.75 -7.81
C ASN B 59 -15.44 -25.28 -8.45
N TYR B 60 -14.31 -25.55 -7.79
CA TYR B 60 -13.01 -25.14 -8.27
C TYR B 60 -12.65 -25.75 -9.62
N GLU B 61 -12.71 -27.07 -9.69
CA GLU B 61 -12.38 -27.80 -10.92
C GLU B 61 -13.21 -27.35 -12.15
N GLU B 62 -14.50 -27.15 -11.97
CA GLU B 62 -15.32 -26.76 -13.09
C GLU B 62 -15.04 -25.30 -13.53
N PHE B 63 -14.42 -24.50 -12.67
CA PHE B 63 -14.12 -23.11 -12.99
C PHE B 63 -12.87 -23.01 -13.85
N VAL B 64 -11.87 -23.75 -13.40
CA VAL B 64 -10.59 -23.81 -14.06
C VAL B 64 -10.70 -24.49 -15.43
N GLN B 65 -11.57 -25.51 -15.49
CA GLN B 65 -11.79 -26.31 -16.69
C GLN B 65 -12.73 -25.65 -17.68
N MET B 66 -13.45 -24.63 -17.22
CA MET B 66 -14.38 -23.97 -18.11
C MET B 66 -13.69 -23.52 -19.38
N MET B 67 -12.36 -23.53 -19.37
CA MET B 67 -11.59 -23.13 -20.54
C MET B 67 -11.04 -24.31 -21.35
MG MG C . 7.85 1.60 1.47
MG MG D . 4.32 3.59 -0.23
P1 POP E . 10.71 0.71 5.96
O1 POP E . 10.87 0.81 4.43
O2 POP E . 9.27 0.43 6.35
O3 POP E . 11.19 1.99 6.67
O POP E . 11.61 -0.58 6.44
P2 POP E . 12.97 -0.86 7.28
O4 POP E . 13.53 -2.17 6.81
O5 POP E . 14.07 0.07 6.84
O6 POP E . 12.77 -0.63 8.76
CA CA F . -20.94 -28.38 -10.17
CA CA G . -19.60 -19.95 -2.38
#